data_5KRI
#
_entry.id   5KRI
#
_cell.length_a   54.857
_cell.length_b   82.907
_cell.length_c   58.585
_cell.angle_alpha   90.00
_cell.angle_beta   110.74
_cell.angle_gamma   90.00
#
_symmetry.space_group_name_H-M   'P 1 21 1'
#
loop_
_entity.id
_entity.type
_entity.pdbx_description
1 polymer 'Estrogen receptor'
2 polymer NCOA2
3 non-polymer (8~{R},9~{S},13~{S},14~{S},16~{R},17~{S})-13-methyl-16-(phenylmethyl)-6,7,8,9,11,12,14,15,16,17-decahydrocyclopenta[a]phenanthrene-3,17-diol
4 water water
#
loop_
_entity_poly.entity_id
_entity_poly.type
_entity_poly.pdbx_seq_one_letter_code
_entity_poly.pdbx_strand_id
1 'polypeptide(L)'
;IKRSKKNSLALSLTADQMVSALLDAEPPILYSEYDPTRPFSEASMMGLLTNLADRELVHMINWAKRVPGFVDLTLHDQVH
LLECAWLEILMIGLVWRSMEHPGKLLFAPNLLLDRNQGKCVEGMVEIFDMLLATSSRFRMMNLQGEEFVCLKSIILLNSG
VYTFLSSTLKSLEEKDHIHRVLDKITDTLIHLMAKAGLTLQQQHQRLAQLLLILSHIRHMSNKGMEHLYSMKCKNVVPLS
DLLLEMLDAHRLHAPTS
;
A,B
2 'polypeptide(L)' KHKILHRLLQDSSS C,D
#
# COMPACT_ATOMS: atom_id res chain seq x y z
N SER A 8 -18.94 11.50 17.68
CA SER A 8 -19.42 11.18 16.34
C SER A 8 -19.34 12.40 15.43
N LEU A 9 -18.88 13.51 16.03
CA LEU A 9 -18.99 14.83 15.41
C LEU A 9 -18.34 14.94 14.04
N ALA A 10 -17.40 14.05 13.72
CA ALA A 10 -16.71 14.12 12.44
C ALA A 10 -17.68 14.01 11.26
N LEU A 11 -18.74 13.23 11.44
CA LEU A 11 -19.73 13.04 10.41
C LEU A 11 -20.56 14.26 10.02
N SER A 12 -20.85 15.10 10.99
CA SER A 12 -21.69 16.27 10.79
C SER A 12 -21.14 17.30 9.83
N LEU A 13 -19.82 17.43 9.77
CA LEU A 13 -19.16 18.52 9.12
C LEU A 13 -19.35 18.61 7.64
N THR A 14 -19.40 19.82 7.15
CA THR A 14 -19.35 20.05 5.73
C THR A 14 -17.98 19.86 5.15
N ALA A 15 -17.93 19.73 3.84
CA ALA A 15 -16.74 19.39 3.15
C ALA A 15 -15.76 20.49 3.44
N ASP A 16 -16.27 21.71 3.41
CA ASP A 16 -15.49 22.87 3.71
C ASP A 16 -15.01 22.88 5.13
N GLN A 17 -15.84 22.45 6.07
CA GLN A 17 -15.42 22.44 7.47
C GLN A 17 -14.38 21.36 7.72
N MET A 18 -14.45 20.25 7.00
CA MET A 18 -13.44 19.22 7.12
C MET A 18 -12.07 19.73 6.69
N VAL A 19 -12.01 20.41 5.54
CA VAL A 19 -10.75 20.96 5.05
C VAL A 19 -10.17 21.94 6.06
N SER A 20 -10.98 22.89 6.51
CA SER A 20 -10.50 23.88 7.48
C SER A 20 -10.03 23.21 8.77
N ALA A 21 -10.75 22.18 9.23
CA ALA A 21 -10.36 21.50 10.46
C ALA A 21 -9.03 20.77 10.28
N LEU A 22 -8.78 20.23 9.08
CA LEU A 22 -7.51 19.54 8.83
C LEU A 22 -6.36 20.52 8.65
N LEU A 23 -6.58 21.60 7.90
CA LEU A 23 -5.54 22.60 7.74
C LEU A 23 -5.14 23.22 9.08
N ASP A 24 -6.13 23.45 9.95
CA ASP A 24 -5.85 24.01 11.26
C ASP A 24 -5.07 23.03 12.13
N ALA A 25 -5.27 21.73 11.92
CA ALA A 25 -4.56 20.72 12.69
C ALA A 25 -3.12 20.53 12.24
N GLU A 26 -2.72 21.12 11.11
CA GLU A 26 -1.45 20.81 10.49
C GLU A 26 -0.28 21.03 11.47
N PRO A 27 0.63 20.08 11.61
CA PRO A 27 1.77 20.27 12.50
C PRO A 27 2.77 21.25 11.89
N PRO A 28 3.64 21.83 12.70
CA PRO A 28 4.62 22.77 12.17
C PRO A 28 5.82 22.08 11.57
N ILE A 29 6.49 22.79 10.66
CA ILE A 29 7.73 22.31 10.07
C ILE A 29 8.86 22.58 11.04
N LEU A 30 9.49 21.52 11.53
CA LEU A 30 10.57 21.63 12.50
C LEU A 30 11.91 21.78 11.79
N TYR A 31 12.92 22.18 12.56
CA TYR A 31 14.27 22.36 12.05
C TYR A 31 15.18 21.24 12.53
N SER A 32 16.20 20.96 11.74
CA SER A 32 17.25 20.04 12.14
C SER A 32 18.20 20.75 13.11
N GLU A 33 18.88 19.95 13.95
CA GLU A 33 19.73 20.50 14.99
C GLU A 33 20.85 21.38 14.44
N TYR A 34 21.15 21.28 13.15
CA TYR A 34 22.18 22.12 12.53
C TYR A 34 21.83 23.60 12.63
N THR A 37 26.50 20.63 11.02
CA THR A 37 26.55 21.68 10.01
C THR A 37 27.82 21.56 9.20
N ARG A 38 28.63 20.59 9.57
CA ARG A 38 29.75 20.18 8.74
C ARG A 38 29.28 19.08 7.79
N PRO A 39 30.10 18.68 6.81
CA PRO A 39 29.69 17.61 5.90
C PRO A 39 29.43 16.29 6.62
N PHE A 40 28.51 15.52 6.06
CA PHE A 40 27.85 14.44 6.79
C PHE A 40 28.63 13.13 6.75
N SER A 41 28.87 12.57 7.93
CA SER A 41 29.25 11.17 8.06
C SER A 41 27.98 10.32 8.09
N GLU A 42 28.18 9.00 8.06
CA GLU A 42 27.06 8.08 8.17
C GLU A 42 26.36 8.22 9.52
N ALA A 43 27.14 8.24 10.60
CA ALA A 43 26.55 8.28 11.93
C ALA A 43 25.95 9.65 12.23
N SER A 44 26.51 10.72 11.67
CA SER A 44 25.94 12.05 11.88
C SER A 44 24.64 12.23 11.10
N MET A 45 24.61 11.73 9.86
CA MET A 45 23.39 11.77 9.07
C MET A 45 22.26 11.03 9.77
N MET A 46 22.54 9.81 10.22
CA MET A 46 21.54 9.02 10.94
C MET A 46 21.05 9.75 12.18
N GLY A 47 21.98 10.37 12.92
CA GLY A 47 21.60 11.06 14.14
C GLY A 47 20.65 12.21 13.89
N LEU A 48 20.92 13.01 12.85
CA LEU A 48 20.05 14.14 12.54
C LEU A 48 18.65 13.68 12.15
N LEU A 49 18.55 12.57 11.41
CA LEU A 49 17.24 12.12 10.93
C LEU A 49 16.42 11.53 12.06
N THR A 50 17.02 10.69 12.89
CA THR A 50 16.29 10.08 14.00
C THR A 50 15.96 11.10 15.07
N ASN A 51 16.80 12.11 15.24
CA ASN A 51 16.47 13.22 16.14
C ASN A 51 15.28 14.01 15.60
N LEU A 52 15.29 14.29 14.31
CA LEU A 52 14.18 15.02 13.69
C LEU A 52 12.89 14.22 13.75
N ALA A 53 12.96 12.93 13.41
CA ALA A 53 11.75 12.10 13.42
C ALA A 53 11.16 12.00 14.81
N ASP A 54 12.01 11.95 15.84
CA ASP A 54 11.50 11.82 17.20
C ASP A 54 10.72 13.06 17.63
N ARG A 55 11.20 14.25 17.27
CA ARG A 55 10.47 15.46 17.61
C ARG A 55 9.20 15.61 16.78
N GLU A 56 9.24 15.17 15.51
CA GLU A 56 8.02 15.19 14.70
C GLU A 56 6.96 14.23 15.26
N LEU A 57 7.39 13.12 15.87
CA LEU A 57 6.43 12.18 16.43
C LEU A 57 5.57 12.82 17.50
N VAL A 58 6.18 13.66 18.34
CA VAL A 58 5.43 14.34 19.40
C VAL A 58 4.35 15.23 18.80
N HIS A 59 4.68 15.93 17.70
CA HIS A 59 3.70 16.79 17.05
C HIS A 59 2.65 15.98 16.28
N MET A 60 3.06 14.85 15.69
CA MET A 60 2.10 14.02 14.97
C MET A 60 1.02 13.50 15.90
N ILE A 61 1.40 13.11 17.12
CA ILE A 61 0.44 12.57 18.08
C ILE A 61 -0.60 13.61 18.45
N ASN A 62 -0.21 14.89 18.54
CA ASN A 62 -1.17 15.95 18.82
C ASN A 62 -1.93 16.37 17.57
N TRP A 63 -1.37 16.16 16.38
CA TRP A 63 -2.14 16.35 15.16
C TRP A 63 -3.20 15.27 15.00
N ALA A 64 -2.87 14.03 15.38
CA ALA A 64 -3.81 12.94 15.24
C ALA A 64 -5.06 13.17 16.08
N LYS A 65 -4.88 13.63 17.33
CA LYS A 65 -6.02 13.92 18.19
C LYS A 65 -6.92 15.00 17.61
N ARG A 66 -6.39 15.86 16.74
CA ARG A 66 -7.17 16.90 16.10
C ARG A 66 -7.75 16.48 14.77
N VAL A 67 -7.51 15.25 14.33
CA VAL A 67 -8.13 14.72 13.12
C VAL A 67 -9.55 14.32 13.46
N PRO A 68 -10.58 14.91 12.82
CA PRO A 68 -11.97 14.64 13.21
C PRO A 68 -12.32 13.16 13.23
N GLY A 69 -12.90 12.71 14.35
CA GLY A 69 -13.28 11.32 14.53
C GLY A 69 -12.23 10.46 15.19
N PHE A 70 -10.99 10.94 15.28
CA PHE A 70 -9.92 10.16 15.89
C PHE A 70 -10.03 10.13 17.40
N VAL A 71 -10.51 11.21 18.02
CA VAL A 71 -10.73 11.21 19.46
C VAL A 71 -11.91 10.32 19.82
N ASP A 72 -12.85 10.10 18.89
CA ASP A 72 -13.98 9.23 19.14
C ASP A 72 -13.57 7.77 19.27
N LEU A 73 -12.35 7.42 18.89
CA LEU A 73 -11.85 6.07 19.03
C LEU A 73 -11.31 5.85 20.45
N THR A 74 -11.27 4.58 20.85
CA THR A 74 -10.68 4.24 22.13
C THR A 74 -9.16 4.46 22.09
N LEU A 75 -8.56 4.47 23.28
CA LEU A 75 -7.12 4.68 23.36
C LEU A 75 -6.36 3.55 22.68
N HIS A 76 -6.80 2.30 22.89
CA HIS A 76 -6.13 1.16 22.30
C HIS A 76 -6.10 1.27 20.77
N ASP A 77 -7.21 1.68 20.16
CA ASP A 77 -7.24 1.80 18.70
C ASP A 77 -6.39 2.97 18.22
N GLN A 78 -6.42 4.09 18.94
CA GLN A 78 -5.58 5.23 18.57
C GLN A 78 -4.11 4.83 18.56
N VAL A 79 -3.68 4.06 19.56
CA VAL A 79 -2.31 3.57 19.61
C VAL A 79 -2.01 2.72 18.38
N HIS A 80 -2.91 1.78 18.09
CA HIS A 80 -2.69 0.85 16.97
C HIS A 80 -2.57 1.61 15.65
N LEU A 81 -3.48 2.54 15.38
CA LEU A 81 -3.44 3.27 14.12
C LEU A 81 -2.17 4.08 13.98
N LEU A 82 -1.71 4.71 15.07
CA LEU A 82 -0.48 5.49 15.01
C LEU A 82 0.74 4.59 14.88
N GLU A 83 0.75 3.46 15.58
CA GLU A 83 1.87 2.53 15.48
C GLU A 83 2.03 2.00 14.05
N CYS A 84 0.93 1.85 13.33
CA CYS A 84 1.00 1.28 11.99
C CYS A 84 1.35 2.32 10.93
N ALA A 85 0.95 3.57 11.13
CA ALA A 85 1.02 4.58 10.08
C ALA A 85 2.04 5.67 10.31
N TRP A 86 2.79 5.65 11.42
CA TRP A 86 3.59 6.81 11.79
C TRP A 86 4.66 7.12 10.74
N LEU A 87 5.31 6.09 10.20
CA LEU A 87 6.34 6.35 9.20
C LEU A 87 5.74 6.79 7.87
N GLU A 88 4.59 6.20 7.49
CA GLU A 88 3.88 6.67 6.30
C GLU A 88 3.55 8.15 6.42
N ILE A 89 3.08 8.57 7.60
CA ILE A 89 2.69 9.96 7.82
C ILE A 89 3.91 10.87 7.73
N LEU A 90 5.03 10.46 8.35
CA LEU A 90 6.27 11.23 8.20
C LEU A 90 6.69 11.31 6.74
N MET A 91 6.53 10.22 6.00
CA MET A 91 7.02 10.18 4.63
C MET A 91 6.18 11.06 3.71
N ILE A 92 4.85 10.98 3.82
CA ILE A 92 4.01 11.79 2.94
C ILE A 92 4.20 13.28 3.25
N GLY A 93 4.48 13.61 4.51
CA GLY A 93 4.78 14.99 4.84
C GLY A 93 6.10 15.45 4.25
N LEU A 94 7.14 14.62 4.40
CA LEU A 94 8.43 14.91 3.78
C LEU A 94 8.28 15.06 2.27
N VAL A 95 7.53 14.15 1.65
CA VAL A 95 7.30 14.22 0.21
C VAL A 95 6.56 15.50 -0.15
N TRP A 96 5.59 15.91 0.68
CA TRP A 96 4.79 17.08 0.37
C TRP A 96 5.62 18.36 0.39
N ARG A 97 6.39 18.58 1.46
CA ARG A 97 7.19 19.79 1.57
C ARG A 97 8.43 19.77 0.68
N SER A 98 8.70 18.67 -0.01
CA SER A 98 9.77 18.61 -0.99
C SER A 98 9.28 18.85 -2.41
N MET A 99 8.01 19.24 -2.57
CA MET A 99 7.43 19.35 -3.90
C MET A 99 8.11 20.42 -4.74
N GLU A 100 8.37 21.59 -4.16
CA GLU A 100 9.02 22.67 -4.88
C GLU A 100 10.54 22.60 -4.78
N HIS A 101 11.09 21.42 -4.53
CA HIS A 101 12.54 21.19 -4.54
C HIS A 101 12.83 19.93 -5.33
N PRO A 102 12.67 19.98 -6.66
CA PRO A 102 12.87 18.77 -7.47
C PRO A 102 14.28 18.23 -7.33
N GLY A 103 14.37 16.90 -7.19
CA GLY A 103 15.62 16.23 -6.99
C GLY A 103 16.17 16.29 -5.59
N LYS A 104 15.46 16.92 -4.65
CA LYS A 104 15.93 17.10 -3.29
C LYS A 104 14.82 16.76 -2.31
N LEU A 105 15.22 16.35 -1.11
CA LEU A 105 14.30 16.00 -0.04
C LEU A 105 14.46 16.99 1.10
N LEU A 106 13.39 17.73 1.40
CA LEU A 106 13.41 18.76 2.44
C LEU A 106 12.97 18.13 3.76
N PHE A 107 13.92 17.43 4.41
CA PHE A 107 13.66 16.92 5.76
C PHE A 107 13.39 18.09 6.71
N ALA A 108 14.10 19.19 6.53
CA ALA A 108 13.93 20.39 7.33
C ALA A 108 14.38 21.57 6.49
N PRO A 109 13.88 22.78 6.78
CA PRO A 109 14.34 23.96 6.02
C PRO A 109 15.84 24.12 5.99
N ASN A 110 16.55 23.68 7.04
CA ASN A 110 18.00 23.70 7.09
C ASN A 110 18.61 22.33 6.83
N LEU A 111 17.88 21.43 6.18
CA LEU A 111 18.33 20.07 5.92
C LEU A 111 17.71 19.59 4.60
N LEU A 112 18.24 20.11 3.50
CA LEU A 112 17.79 19.76 2.16
C LEU A 112 18.84 18.85 1.53
N LEU A 113 18.43 17.62 1.21
CA LEU A 113 19.36 16.58 0.78
C LEU A 113 18.99 16.07 -0.62
N ASP A 114 20.01 15.74 -1.40
CA ASP A 114 19.82 15.04 -2.65
C ASP A 114 20.20 13.57 -2.48
N ARG A 115 19.90 12.77 -3.52
CA ARG A 115 20.13 11.34 -3.42
C ARG A 115 21.61 10.99 -3.30
N ASN A 116 22.49 11.84 -3.81
CA ASN A 116 23.93 11.59 -3.67
C ASN A 116 24.34 11.61 -2.21
N GLN A 117 23.65 12.41 -1.38
CA GLN A 117 23.86 12.39 0.06
C GLN A 117 23.19 11.20 0.74
N GLY A 118 22.34 10.47 0.02
CA GLY A 118 21.84 9.21 0.53
C GLY A 118 22.86 8.09 0.54
N LYS A 119 23.97 8.26 -0.19
CA LYS A 119 25.02 7.25 -0.17
C LYS A 119 25.74 7.17 1.17
N CYS A 120 25.67 8.22 1.98
CA CYS A 120 26.35 8.21 3.27
C CYS A 120 25.91 7.04 4.14
N VAL A 121 24.67 6.60 4.00
CA VAL A 121 24.16 5.42 4.70
C VAL A 121 23.69 4.43 3.65
N GLU A 122 23.83 3.14 3.95
CA GLU A 122 23.73 2.07 2.95
C GLU A 122 22.32 1.49 2.91
N GLY A 123 21.76 1.38 1.71
CA GLY A 123 20.35 1.13 1.54
C GLY A 123 19.50 2.38 1.63
N MET A 124 20.11 3.51 2.02
CA MET A 124 19.36 4.76 2.12
C MET A 124 18.99 5.30 0.75
N VAL A 125 19.83 5.04 -0.26
CA VAL A 125 19.62 5.60 -1.59
C VAL A 125 18.33 5.06 -2.21
N GLU A 126 18.04 3.78 -1.97
CA GLU A 126 16.83 3.18 -2.56
C GLU A 126 15.57 3.86 -2.06
N ILE A 127 15.46 4.07 -0.75
CA ILE A 127 14.31 4.79 -0.20
C ILE A 127 14.30 6.22 -0.69
N PHE A 128 15.48 6.83 -0.80
CA PHE A 128 15.59 8.20 -1.31
C PHE A 128 14.95 8.34 -2.68
N ASP A 129 15.34 7.49 -3.62
CA ASP A 129 14.80 7.57 -4.97
C ASP A 129 13.30 7.31 -4.99
N MET A 130 12.83 6.38 -4.15
CA MET A 130 11.39 6.15 -4.04
C MET A 130 10.68 7.38 -3.50
N LEU A 131 11.26 8.04 -2.49
CA LEU A 131 10.67 9.25 -1.94
C LEU A 131 10.69 10.38 -2.97
N LEU A 132 11.83 10.57 -3.64
CA LEU A 132 11.89 11.57 -4.71
C LEU A 132 10.90 11.26 -5.82
N ALA A 133 10.63 9.98 -6.08
CA ALA A 133 9.67 9.64 -7.13
C ALA A 133 8.26 10.02 -6.72
N THR A 134 7.91 9.84 -5.45
CA THR A 134 6.60 10.24 -4.97
C THR A 134 6.44 11.76 -5.05
N SER A 135 7.46 12.51 -4.65
CA SER A 135 7.40 13.96 -4.73
C SER A 135 7.26 14.42 -6.18
N SER A 136 7.97 13.75 -7.09
CA SER A 136 7.82 14.07 -8.50
C SER A 136 6.42 13.75 -9.00
N ARG A 137 5.79 12.72 -8.43
CA ARG A 137 4.42 12.40 -8.81
C ARG A 137 3.43 13.43 -8.29
N PHE A 138 3.60 13.87 -7.03
CA PHE A 138 2.77 14.94 -6.49
C PHE A 138 2.90 16.20 -7.33
N ARG A 139 4.13 16.57 -7.67
CA ARG A 139 4.37 17.77 -8.45
C ARG A 139 3.73 17.67 -9.84
N MET A 140 3.82 16.50 -10.46
CA MET A 140 3.23 16.31 -11.78
C MET A 140 1.71 16.40 -11.73
N MET A 141 1.09 15.93 -10.65
CA MET A 141 -0.35 16.04 -10.47
C MET A 141 -0.78 17.39 -9.93
N ASN A 142 0.17 18.26 -9.57
CA ASN A 142 -0.11 19.53 -8.92
C ASN A 142 -0.98 19.33 -7.68
N LEU A 143 -0.47 18.48 -6.79
CA LEU A 143 -1.20 18.17 -5.57
C LEU A 143 -1.40 19.42 -4.73
N GLN A 144 -2.65 19.68 -4.35
CA GLN A 144 -3.00 20.85 -3.56
C GLN A 144 -2.89 20.52 -2.08
N GLY A 145 -2.63 21.56 -1.29
CA GLY A 145 -2.52 21.38 0.16
C GLY A 145 -3.79 20.83 0.78
N GLU A 146 -4.94 21.24 0.25
CA GLU A 146 -6.21 20.70 0.74
C GLU A 146 -6.31 19.20 0.46
N GLU A 147 -5.82 18.76 -0.70
CA GLU A 147 -5.82 17.34 -0.99
C GLU A 147 -4.82 16.59 -0.12
N PHE A 148 -3.68 17.22 0.18
CA PHE A 148 -2.64 16.56 0.95
C PHE A 148 -3.11 16.20 2.35
N VAL A 149 -3.76 17.15 3.04
CA VAL A 149 -4.19 16.89 4.40
C VAL A 149 -5.28 15.83 4.45
N CYS A 150 -6.08 15.70 3.38
CA CYS A 150 -7.05 14.62 3.31
C CYS A 150 -6.34 13.27 3.17
N LEU A 151 -5.30 13.21 2.36
CA LEU A 151 -4.58 11.95 2.17
C LEU A 151 -3.86 11.52 3.44
N LYS A 152 -3.29 12.47 4.18
CA LYS A 152 -2.53 12.12 5.37
C LYS A 152 -3.43 11.54 6.46
N SER A 153 -4.63 12.11 6.63
CA SER A 153 -5.56 11.57 7.61
C SER A 153 -6.14 10.23 7.15
N ILE A 154 -6.30 10.05 5.84
CA ILE A 154 -6.71 8.74 5.32
C ILE A 154 -5.70 7.68 5.71
N ILE A 155 -4.41 7.98 5.54
CA ILE A 155 -3.35 7.06 5.96
C ILE A 155 -3.53 6.69 7.43
N LEU A 156 -3.73 7.71 8.27
CA LEU A 156 -3.87 7.47 9.70
C LEU A 156 -5.02 6.51 10.01
N LEU A 157 -6.16 6.69 9.34
CA LEU A 157 -7.33 5.88 9.62
C LEU A 157 -7.36 4.57 8.85
N ASN A 158 -6.69 4.50 7.70
CA ASN A 158 -6.76 3.31 6.87
C ASN A 158 -5.71 2.27 7.21
N SER A 159 -4.45 2.70 7.37
CA SER A 159 -3.32 1.76 7.35
C SER A 159 -3.49 0.61 8.34
N GLY A 160 -4.08 0.88 9.51
CA GLY A 160 -4.20 -0.15 10.52
C GLY A 160 -5.60 -0.63 10.78
N VAL A 161 -6.53 -0.35 9.86
CA VAL A 161 -7.93 -0.66 10.13
C VAL A 161 -8.22 -2.15 9.97
N TYR A 162 -7.49 -2.86 9.11
CA TYR A 162 -7.75 -4.26 8.84
C TYR A 162 -6.91 -5.18 9.71
N THR A 163 -6.40 -4.68 10.84
CA THR A 163 -5.65 -5.47 11.80
C THR A 163 -6.20 -5.25 13.21
N PHE A 164 -7.52 -5.05 13.31
CA PHE A 164 -8.19 -4.90 14.60
C PHE A 164 -8.71 -6.25 15.10
N GLU A 173 -17.56 -2.71 15.19
CA GLU A 173 -18.29 -1.51 15.57
C GLU A 173 -17.36 -0.29 15.53
N GLU A 174 -16.09 -0.52 15.84
CA GLU A 174 -15.10 0.56 15.74
C GLU A 174 -14.64 0.76 14.30
N LYS A 175 -14.56 -0.31 13.52
CA LYS A 175 -14.24 -0.17 12.10
C LYS A 175 -15.28 0.67 11.38
N ASP A 176 -16.56 0.41 11.65
CA ASP A 176 -17.65 1.10 10.95
C ASP A 176 -17.50 2.61 11.06
N HIS A 177 -17.22 3.11 12.27
CA HIS A 177 -16.98 4.53 12.45
C HIS A 177 -15.81 4.99 11.59
N ILE A 178 -14.67 4.32 11.71
CA ILE A 178 -13.50 4.66 10.90
C ILE A 178 -13.85 4.64 9.42
N HIS A 179 -14.55 3.61 8.97
CA HIS A 179 -14.96 3.53 7.57
C HIS A 179 -15.92 4.66 7.22
N ARG A 180 -16.80 5.05 8.14
CA ARG A 180 -17.68 6.18 7.88
C ARG A 180 -16.91 7.49 7.81
N VAL A 181 -15.85 7.62 8.62
CA VAL A 181 -15.02 8.81 8.52
C VAL A 181 -14.22 8.81 7.22
N LEU A 182 -13.70 7.64 6.83
CA LEU A 182 -12.99 7.54 5.56
C LEU A 182 -13.88 7.93 4.39
N ASP A 183 -15.15 7.50 4.42
CA ASP A 183 -16.09 7.91 3.39
C ASP A 183 -16.29 9.42 3.40
N LYS A 184 -16.30 10.02 4.59
CA LYS A 184 -16.46 11.47 4.69
C LYS A 184 -15.27 12.19 4.07
N ILE A 185 -14.05 11.66 4.27
CA ILE A 185 -12.88 12.27 3.66
C ILE A 185 -12.91 12.09 2.15
N THR A 186 -13.41 10.96 1.69
CA THR A 186 -13.60 10.74 0.25
C THR A 186 -14.53 11.79 -0.33
N ASP A 187 -15.66 12.03 0.32
CA ASP A 187 -16.57 13.10 -0.12
C ASP A 187 -15.87 14.44 -0.14
N THR A 188 -15.00 14.69 0.84
CA THR A 188 -14.25 15.94 0.89
C THR A 188 -13.31 16.06 -0.30
N LEU A 189 -12.64 14.95 -0.67
CA LEU A 189 -11.75 14.98 -1.82
C LEU A 189 -12.50 15.32 -3.10
N ILE A 190 -13.62 14.63 -3.34
CA ILE A 190 -14.43 14.92 -4.53
C ILE A 190 -14.93 16.35 -4.50
N HIS A 191 -15.35 16.83 -3.32
CA HIS A 191 -15.84 18.19 -3.20
C HIS A 191 -14.77 19.21 -3.57
N LEU A 192 -13.53 18.96 -3.19
CA LEU A 192 -12.43 19.85 -3.58
C LEU A 192 -12.23 19.84 -5.09
N MET A 193 -12.33 18.68 -5.71
CA MET A 193 -12.08 18.57 -7.15
C MET A 193 -13.21 19.21 -7.96
N ALA A 194 -14.46 18.98 -7.56
CA ALA A 194 -15.57 19.64 -8.22
C ALA A 194 -15.49 21.15 -8.06
N LYS A 195 -15.08 21.60 -6.87
CA LYS A 195 -14.84 23.03 -6.66
C LYS A 195 -13.75 23.56 -7.58
N ALA A 196 -12.76 22.73 -7.90
CA ALA A 196 -11.66 23.12 -8.77
C ALA A 196 -12.03 23.13 -10.25
N GLY A 197 -13.28 22.81 -10.59
CA GLY A 197 -13.72 22.83 -11.97
C GLY A 197 -13.57 21.53 -12.73
N LEU A 198 -13.14 20.46 -12.08
CA LEU A 198 -12.97 19.19 -12.77
C LEU A 198 -14.31 18.56 -13.11
N THR A 199 -14.38 17.91 -14.27
CA THR A 199 -15.58 17.20 -14.65
C THR A 199 -15.71 15.91 -13.86
N LEU A 200 -16.92 15.34 -13.87
CA LEU A 200 -17.20 14.14 -13.09
C LEU A 200 -16.20 13.04 -13.40
N GLN A 201 -15.87 12.84 -14.67
CA GLN A 201 -14.88 11.82 -15.04
C GLN A 201 -13.50 12.17 -14.50
N GLN A 202 -13.09 13.43 -14.65
CA GLN A 202 -11.81 13.86 -14.09
C GLN A 202 -11.78 13.70 -12.58
N GLN A 203 -12.93 13.80 -11.91
CA GLN A 203 -12.95 13.74 -10.45
C GLN A 203 -12.62 12.34 -9.95
N HIS A 204 -13.29 11.31 -10.47
CA HIS A 204 -13.00 9.96 -10.02
C HIS A 204 -11.67 9.45 -10.55
N GLN A 205 -11.20 9.98 -11.68
CA GLN A 205 -9.86 9.59 -12.15
C GLN A 205 -8.78 10.15 -11.24
N ARG A 206 -8.92 11.41 -10.83
CA ARG A 206 -7.93 12.00 -9.93
C ARG A 206 -8.01 11.37 -8.55
N LEU A 207 -9.23 11.08 -8.08
CA LEU A 207 -9.38 10.37 -6.81
C LEU A 207 -8.64 9.05 -6.83
N ALA A 208 -8.73 8.31 -7.93
CA ALA A 208 -8.04 7.03 -8.03
C ALA A 208 -6.53 7.22 -8.08
N GLN A 209 -6.06 8.21 -8.85
CA GLN A 209 -4.62 8.45 -8.95
C GLN A 209 -4.02 8.80 -7.58
N LEU A 210 -4.76 9.56 -6.77
CA LEU A 210 -4.24 9.94 -5.46
C LEU A 210 -4.16 8.74 -4.53
N LEU A 211 -5.21 7.92 -4.49
CA LEU A 211 -5.25 6.82 -3.54
C LEU A 211 -4.30 5.70 -3.90
N LEU A 212 -3.98 5.54 -5.20
CA LEU A 212 -3.01 4.52 -5.58
C LEU A 212 -1.61 4.88 -5.11
N ILE A 213 -1.32 6.18 -4.98
CA ILE A 213 -0.03 6.60 -4.43
C ILE A 213 0.13 6.10 -3.01
N LEU A 214 -0.97 5.97 -2.27
CA LEU A 214 -0.89 5.46 -0.90
C LEU A 214 -0.36 4.04 -0.84
N SER A 215 -0.58 3.26 -1.91
CA SER A 215 0.00 1.92 -1.96
C SER A 215 1.53 1.99 -2.00
N HIS A 216 2.08 2.99 -2.70
CA HIS A 216 3.53 3.15 -2.78
CA HIS A 216 3.53 3.12 -2.76
C HIS A 216 4.09 3.74 -1.49
N ILE A 217 3.34 4.64 -0.85
CA ILE A 217 3.77 5.17 0.44
C ILE A 217 3.84 4.07 1.47
N ARG A 218 2.87 3.15 1.43
CA ARG A 218 2.92 1.96 2.29
C ARG A 218 4.16 1.14 2.00
N HIS A 219 4.50 0.96 0.72
CA HIS A 219 5.68 0.19 0.35
C HIS A 219 6.95 0.85 0.88
N MET A 220 7.07 2.17 0.68
CA MET A 220 8.25 2.88 1.20
C MET A 220 8.35 2.75 2.71
N SER A 221 7.22 2.75 3.40
CA SER A 221 7.24 2.65 4.87
C SER A 221 7.77 1.29 5.30
N ASN A 222 7.32 0.22 4.66
CA ASN A 222 7.79 -1.12 5.04
C ASN A 222 9.30 -1.25 4.83
N LYS A 223 9.81 -0.75 3.71
CA LYS A 223 11.25 -0.77 3.48
C LYS A 223 11.98 0.11 4.49
N GLY A 224 11.35 1.21 4.92
CA GLY A 224 11.96 2.06 5.92
C GLY A 224 12.03 1.42 7.27
N MET A 225 10.99 0.67 7.64
CA MET A 225 11.00 -0.08 8.91
C MET A 225 12.17 -1.05 8.94
N GLU A 226 12.31 -1.87 7.89
CA GLU A 226 13.44 -2.79 7.79
C GLU A 226 14.76 -2.05 7.97
N HIS A 227 14.95 -0.99 7.19
CA HIS A 227 16.20 -0.24 7.23
C HIS A 227 16.42 0.38 8.60
N LEU A 228 15.35 0.80 9.26
CA LEU A 228 15.47 1.38 10.60
C LEU A 228 15.80 0.32 11.63
N TYR A 229 15.18 -0.85 11.52
CA TYR A 229 15.41 -1.93 12.48
C TYR A 229 16.81 -2.51 12.32
N SER A 230 17.32 -2.58 11.09
CA SER A 230 18.60 -3.23 10.85
C SER A 230 19.75 -2.40 11.41
N MET A 231 19.81 -1.12 11.05
CA MET A 231 20.80 -0.22 11.62
C MET A 231 20.52 0.13 13.07
N LYS A 232 19.41 -0.36 13.63
CA LYS A 232 19.23 -0.32 15.07
C LYS A 232 20.04 -1.42 15.75
N CYS A 233 19.87 -2.67 15.28
CA CYS A 233 20.62 -3.80 15.81
C CYS A 233 22.12 -3.62 15.66
N LYS A 234 22.56 -2.91 14.63
CA LYS A 234 23.96 -2.50 14.53
C LYS A 234 24.04 -1.04 14.95
N ASN A 235 24.54 -0.83 16.16
CA ASN A 235 24.07 0.19 17.11
C ASN A 235 24.66 1.60 17.04
N VAL A 236 24.80 2.19 15.84
CA VAL A 236 25.65 3.36 15.68
C VAL A 236 25.16 4.53 16.52
N VAL A 237 23.86 4.82 16.46
CA VAL A 237 23.29 5.89 17.30
C VAL A 237 22.17 5.29 18.14
N PRO A 238 22.07 5.63 19.43
CA PRO A 238 20.87 5.24 20.18
C PRO A 238 19.63 5.90 19.59
N LEU A 239 18.53 5.17 19.59
CA LEU A 239 17.24 5.73 19.22
C LEU A 239 16.46 6.07 20.47
N SER A 240 15.61 7.09 20.37
CA SER A 240 14.78 7.45 21.51
C SER A 240 13.83 6.31 21.85
N ASP A 241 13.44 6.23 23.12
CA ASP A 241 12.56 5.16 23.55
C ASP A 241 11.22 5.21 22.82
N LEU A 242 10.73 6.42 22.53
CA LEU A 242 9.47 6.55 21.80
C LEU A 242 9.61 5.98 20.39
N LEU A 243 10.64 6.41 19.66
CA LEU A 243 10.88 5.85 18.33
C LEU A 243 11.12 4.35 18.40
N LEU A 244 11.83 3.89 19.43
CA LEU A 244 12.07 2.47 19.60
C LEU A 244 10.77 1.71 19.85
N GLU A 245 9.80 2.34 20.50
CA GLU A 245 8.53 1.67 20.76
C GLU A 245 7.63 1.66 19.52
N MET A 246 7.62 2.76 18.75
CA MET A 246 6.90 2.76 17.49
C MET A 246 7.48 1.73 16.53
N LEU A 247 8.79 1.51 16.60
CA LEU A 247 9.45 0.56 15.69
C LEU A 247 9.20 -0.88 16.13
N ASP A 248 9.22 -1.13 17.44
CA ASP A 248 8.98 -2.48 17.95
C ASP A 248 7.54 -2.93 17.71
N ALA A 249 6.62 -2.00 17.45
CA ALA A 249 5.24 -2.39 17.16
C ALA A 249 5.12 -3.11 15.83
N HIS A 250 6.06 -2.88 14.91
CA HIS A 250 6.10 -3.58 13.63
C HIS A 250 6.90 -4.86 13.69
N ARG A 251 6.79 -5.60 14.78
CA ARG A 251 7.48 -6.88 14.95
C ARG A 251 6.58 -7.91 15.60
N LEU B 9 -4.28 0.78 -28.69
CA LEU B 9 -4.85 -0.55 -28.59
C LEU B 9 -5.81 -0.66 -27.41
N ALA B 10 -5.27 -0.47 -26.20
CA ALA B 10 -6.10 -0.59 -25.00
C ALA B 10 -7.02 0.60 -24.81
N LEU B 11 -6.58 1.80 -25.22
CA LEU B 11 -7.45 2.97 -25.14
C LEU B 11 -8.70 2.84 -25.98
N SER B 12 -8.83 1.77 -26.78
CA SER B 12 -10.00 1.63 -27.65
C SER B 12 -11.23 1.19 -26.87
N LEU B 13 -11.01 0.49 -25.76
CA LEU B 13 -11.96 -0.50 -25.29
C LEU B 13 -13.23 0.10 -24.71
N THR B 14 -14.37 -0.48 -25.11
CA THR B 14 -15.63 -0.27 -24.42
C THR B 14 -15.48 -0.62 -22.94
N ALA B 15 -16.18 0.13 -22.10
CA ALA B 15 -16.23 -0.23 -20.68
C ALA B 15 -16.71 -1.66 -20.50
N ASP B 16 -17.67 -2.09 -21.32
CA ASP B 16 -18.14 -3.47 -21.25
C ASP B 16 -17.12 -4.43 -21.83
N GLN B 17 -16.43 -4.02 -22.90
CA GLN B 17 -15.40 -4.89 -23.48
C GLN B 17 -14.19 -4.99 -22.57
N MET B 18 -13.88 -3.91 -21.83
CA MET B 18 -12.83 -3.98 -20.81
C MET B 18 -13.12 -5.09 -19.81
N VAL B 19 -14.35 -5.13 -19.29
CA VAL B 19 -14.73 -6.15 -18.32
C VAL B 19 -14.59 -7.54 -18.93
N SER B 20 -15.23 -7.76 -20.09
CA SER B 20 -15.23 -9.09 -20.69
C SER B 20 -13.83 -9.51 -21.10
N ALA B 21 -13.00 -8.57 -21.56
CA ALA B 21 -11.62 -8.90 -21.88
C ALA B 21 -10.87 -9.37 -20.64
N LEU B 22 -11.10 -8.70 -19.50
CA LEU B 22 -10.46 -9.13 -18.26
C LEU B 22 -11.03 -10.45 -17.77
N LEU B 23 -12.35 -10.63 -17.89
CA LEU B 23 -12.97 -11.88 -17.46
C LEU B 23 -12.46 -13.06 -18.28
N ASP B 24 -12.29 -12.87 -19.58
CA ASP B 24 -11.77 -13.95 -20.42
C ASP B 24 -10.35 -14.32 -20.04
N ALA B 25 -9.54 -13.33 -19.68
CA ALA B 25 -8.14 -13.55 -19.37
C ALA B 25 -7.91 -14.29 -18.06
N GLU B 26 -8.96 -14.55 -17.28
CA GLU B 26 -8.79 -15.04 -15.93
C GLU B 26 -8.02 -16.36 -15.91
N PRO B 27 -7.02 -16.52 -15.05
CA PRO B 27 -6.29 -17.78 -14.98
C PRO B 27 -7.13 -18.85 -14.30
N PRO B 28 -6.75 -20.12 -14.45
CA PRO B 28 -7.52 -21.19 -13.82
C PRO B 28 -7.17 -21.36 -12.35
N ILE B 29 -8.06 -22.05 -11.64
CA ILE B 29 -7.84 -22.39 -10.24
C ILE B 29 -7.12 -23.73 -10.19
N LEU B 30 -5.86 -23.70 -9.78
CA LEU B 30 -5.04 -24.91 -9.76
C LEU B 30 -5.25 -25.68 -8.46
N TYR B 31 -4.89 -26.96 -8.50
CA TYR B 31 -4.94 -27.84 -7.34
C TYR B 31 -3.54 -27.99 -6.75
N SER B 32 -3.51 -28.31 -5.46
CA SER B 32 -2.27 -28.61 -4.76
C SER B 32 -2.09 -30.13 -4.71
N GLU B 33 -0.92 -30.55 -4.24
CA GLU B 33 -0.64 -31.95 -3.99
C GLU B 33 -1.05 -32.39 -2.59
N TYR B 34 -1.96 -31.65 -1.96
CA TYR B 34 -2.35 -31.94 -0.58
C TYR B 34 -3.00 -33.31 -0.47
N ASP B 35 -2.40 -34.18 0.35
CA ASP B 35 -2.94 -35.50 0.61
C ASP B 35 -3.47 -35.55 2.04
N PRO B 36 -4.78 -35.52 2.25
CA PRO B 36 -5.30 -35.50 3.63
C PRO B 36 -5.22 -36.84 4.36
N THR B 37 -4.32 -37.72 3.93
CA THR B 37 -4.12 -39.00 4.61
C THR B 37 -3.66 -38.79 6.04
N PRO B 39 -1.86 -35.44 9.29
CA PRO B 39 -1.46 -34.02 9.25
C PRO B 39 -0.15 -33.80 8.51
N PHE B 40 0.10 -32.56 8.10
CA PHE B 40 1.35 -32.21 7.45
C PHE B 40 2.30 -31.60 8.49
N SER B 41 3.50 -31.26 8.03
CA SER B 41 4.49 -30.59 8.84
C SER B 41 4.63 -29.14 8.37
N GLU B 42 5.44 -28.37 9.10
CA GLU B 42 5.78 -27.03 8.65
C GLU B 42 6.45 -27.07 7.29
N ALA B 43 7.40 -27.98 7.10
CA ALA B 43 8.09 -28.07 5.82
C ALA B 43 7.16 -28.56 4.71
N SER B 44 6.30 -29.53 5.02
CA SER B 44 5.42 -30.09 4.00
C SER B 44 4.31 -29.12 3.62
N MET B 45 3.65 -28.53 4.63
CA MET B 45 2.61 -27.56 4.33
C MET B 45 3.16 -26.38 3.53
N MET B 46 4.33 -25.88 3.91
CA MET B 46 4.96 -24.81 3.15
C MET B 46 5.40 -25.29 1.77
N GLY B 47 5.79 -26.55 1.66
CA GLY B 47 6.12 -27.10 0.36
C GLY B 47 4.94 -27.09 -0.60
N LEU B 48 3.76 -27.41 -0.09
CA LEU B 48 2.56 -27.35 -0.91
C LEU B 48 2.28 -25.93 -1.39
N LEU B 49 2.38 -24.97 -0.47
CA LEU B 49 2.06 -23.58 -0.81
C LEU B 49 2.99 -23.03 -1.88
N THR B 50 4.30 -23.21 -1.68
CA THR B 50 5.28 -22.68 -2.64
C THR B 50 5.21 -23.44 -3.96
N ASN B 51 4.91 -24.73 -3.92
CA ASN B 51 4.68 -25.48 -5.15
C ASN B 51 3.49 -24.91 -5.91
N LEU B 52 2.41 -24.59 -5.20
CA LEU B 52 1.23 -24.03 -5.83
C LEU B 52 1.49 -22.65 -6.39
N ALA B 53 2.23 -21.82 -5.64
CA ALA B 53 2.54 -20.48 -6.13
C ALA B 53 3.40 -20.52 -7.39
N ASP B 54 4.35 -21.45 -7.44
CA ASP B 54 5.21 -21.56 -8.61
C ASP B 54 4.41 -21.88 -9.86
N ARG B 55 3.45 -22.80 -9.76
CA ARG B 55 2.63 -23.14 -10.92
C ARG B 55 1.67 -22.01 -11.28
N GLU B 56 1.18 -21.27 -10.28
CA GLU B 56 0.32 -20.13 -10.57
C GLU B 56 1.08 -19.02 -11.29
N LEU B 57 2.38 -18.87 -10.98
CA LEU B 57 3.17 -17.82 -11.63
C LEU B 57 3.18 -18.00 -13.15
N VAL B 58 3.27 -19.24 -13.61
CA VAL B 58 3.27 -19.50 -15.06
C VAL B 58 1.99 -18.97 -15.69
N HIS B 59 0.85 -19.18 -15.02
CA HIS B 59 -0.41 -18.69 -15.56
C HIS B 59 -0.55 -17.17 -15.40
N MET B 60 -0.06 -16.62 -14.28
CA MET B 60 -0.13 -15.18 -14.08
C MET B 60 0.62 -14.44 -15.18
N ILE B 61 1.79 -14.96 -15.57
CA ILE B 61 2.58 -14.32 -16.63
C ILE B 61 1.77 -14.26 -17.92
N ASN B 62 1.14 -15.37 -18.29
CA ASN B 62 0.31 -15.40 -19.50
C ASN B 62 -1.00 -14.65 -19.32
N TRP B 63 -1.50 -14.53 -18.09
CA TRP B 63 -2.64 -13.66 -17.84
C TRP B 63 -2.26 -12.20 -18.01
N ALA B 64 -1.06 -11.83 -17.56
CA ALA B 64 -0.63 -10.43 -17.66
C ALA B 64 -0.53 -9.99 -19.11
N LYS B 65 -0.12 -10.90 -20.00
CA LYS B 65 -0.06 -10.56 -21.43
C LYS B 65 -1.42 -10.17 -21.97
N ARG B 66 -2.50 -10.71 -21.40
CA ARG B 66 -3.84 -10.41 -21.85
C ARG B 66 -4.41 -9.14 -21.24
N VAL B 67 -3.76 -8.57 -20.23
CA VAL B 67 -4.24 -7.35 -19.59
C VAL B 67 -4.08 -6.20 -20.58
N PRO B 68 -5.14 -5.45 -20.88
CA PRO B 68 -5.05 -4.39 -21.90
C PRO B 68 -3.97 -3.37 -21.57
N GLY B 69 -3.15 -3.06 -22.58
CA GLY B 69 -2.06 -2.13 -22.44
C GLY B 69 -0.75 -2.74 -21.99
N PHE B 70 -0.78 -3.93 -21.39
CA PHE B 70 0.44 -4.55 -20.89
C PHE B 70 1.37 -4.96 -22.03
N VAL B 71 0.80 -5.47 -23.13
CA VAL B 71 1.61 -5.88 -24.25
C VAL B 71 2.26 -4.68 -24.93
N ASP B 72 1.61 -3.52 -24.86
CA ASP B 72 2.18 -2.30 -25.42
C ASP B 72 3.43 -1.83 -24.70
N LEU B 73 3.77 -2.46 -23.57
CA LEU B 73 4.94 -2.07 -22.80
C LEU B 73 6.17 -2.82 -23.27
N THR B 74 7.33 -2.18 -23.12
CA THR B 74 8.58 -2.84 -23.43
C THR B 74 8.78 -4.05 -22.53
N LEU B 75 9.58 -5.01 -23.03
CA LEU B 75 9.82 -6.22 -22.26
C LEU B 75 10.52 -5.92 -20.95
N HIS B 76 11.33 -4.85 -20.90
CA HIS B 76 12.01 -4.49 -19.66
C HIS B 76 11.02 -4.06 -18.58
N ASP B 77 10.00 -3.30 -18.98
CA ASP B 77 9.02 -2.82 -17.99
C ASP B 77 7.99 -3.89 -17.64
N GLN B 78 7.70 -4.81 -18.58
CA GLN B 78 6.81 -5.92 -18.25
C GLN B 78 7.41 -6.79 -17.15
N VAL B 79 8.70 -7.08 -17.26
CA VAL B 79 9.40 -7.84 -16.22
C VAL B 79 9.31 -7.10 -14.90
N HIS B 80 9.53 -5.79 -14.92
CA HIS B 80 9.59 -5.00 -13.68
C HIS B 80 8.23 -4.97 -12.98
N LEU B 81 7.16 -4.72 -13.72
CA LEU B 81 5.83 -4.68 -13.12
C LEU B 81 5.47 -6.03 -12.50
N LEU B 82 5.87 -7.13 -13.15
CA LEU B 82 5.54 -8.45 -12.62
C LEU B 82 6.42 -8.80 -11.41
N GLU B 83 7.70 -8.44 -11.47
CA GLU B 83 8.59 -8.70 -10.33
C GLU B 83 8.09 -8.02 -9.06
N CYS B 84 7.45 -6.86 -9.20
CA CYS B 84 7.00 -6.10 -8.04
C CYS B 84 5.62 -6.52 -7.54
N ALA B 85 4.75 -7.01 -8.41
CA ALA B 85 3.35 -7.25 -8.08
C ALA B 85 2.96 -8.71 -7.99
N TRP B 86 3.88 -9.64 -8.26
CA TRP B 86 3.49 -11.04 -8.41
C TRP B 86 2.86 -11.59 -7.13
N LEU B 87 3.43 -11.26 -5.97
CA LEU B 87 2.86 -11.75 -4.72
C LEU B 87 1.57 -11.02 -4.37
N GLU B 88 1.48 -9.72 -4.68
CA GLU B 88 0.21 -9.01 -4.51
C GLU B 88 -0.90 -9.66 -5.32
N ILE B 89 -0.60 -10.05 -6.56
CA ILE B 89 -1.61 -10.63 -7.43
C ILE B 89 -2.03 -12.00 -6.91
N LEU B 90 -1.06 -12.81 -6.44
CA LEU B 90 -1.40 -14.09 -5.84
C LEU B 90 -2.29 -13.92 -4.60
N MET B 91 -1.99 -12.92 -3.78
CA MET B 91 -2.73 -12.75 -2.53
C MET B 91 -4.16 -12.31 -2.79
N ILE B 92 -4.36 -11.35 -3.70
CA ILE B 92 -5.71 -10.87 -3.95
C ILE B 92 -6.56 -11.96 -4.59
N GLY B 93 -5.94 -12.86 -5.35
CA GLY B 93 -6.68 -13.97 -5.93
C GLY B 93 -7.07 -14.99 -4.88
N LEU B 94 -6.13 -15.33 -3.99
CA LEU B 94 -6.46 -16.20 -2.85
C LEU B 94 -7.58 -15.60 -2.03
N VAL B 95 -7.45 -14.31 -1.69
CA VAL B 95 -8.48 -13.62 -0.91
C VAL B 95 -9.82 -13.62 -1.65
N TRP B 96 -9.78 -13.52 -2.98
CA TRP B 96 -11.00 -13.48 -3.76
C TRP B 96 -11.74 -14.82 -3.72
N ARG B 97 -11.06 -15.91 -4.07
CA ARG B 97 -11.67 -17.23 -4.05
C ARG B 97 -11.90 -17.75 -2.64
N SER B 98 -11.55 -16.97 -1.61
CA SER B 98 -11.85 -17.33 -0.24
C SER B 98 -13.03 -16.56 0.34
N MET B 99 -13.69 -15.71 -0.47
CA MET B 99 -14.75 -14.86 0.03
C MET B 99 -15.86 -15.67 0.71
N GLU B 100 -16.23 -16.81 0.12
CA GLU B 100 -17.35 -17.60 0.60
C GLU B 100 -16.95 -18.62 1.65
N HIS B 101 -15.77 -18.49 2.24
CA HIS B 101 -15.28 -19.43 3.25
C HIS B 101 -14.79 -18.63 4.45
N PRO B 102 -15.71 -18.18 5.30
CA PRO B 102 -15.31 -17.34 6.44
C PRO B 102 -14.35 -18.06 7.37
N GLY B 103 -13.29 -17.35 7.78
CA GLY B 103 -12.28 -17.91 8.64
C GLY B 103 -11.40 -18.95 7.99
N LYS B 104 -11.42 -19.05 6.66
CA LYS B 104 -10.65 -20.06 5.95
C LYS B 104 -10.07 -19.46 4.68
N LEU B 105 -8.89 -19.92 4.30
CA LEU B 105 -8.31 -19.54 3.05
C LEU B 105 -8.29 -20.70 2.08
N LEU B 106 -8.92 -20.53 0.95
CA LEU B 106 -8.93 -21.53 -0.08
C LEU B 106 -7.75 -21.36 -1.00
N PHE B 107 -6.61 -21.90 -0.62
CA PHE B 107 -5.44 -21.92 -1.47
C PHE B 107 -5.67 -22.72 -2.73
N ALA B 108 -6.40 -23.81 -2.61
CA ALA B 108 -6.78 -24.66 -3.72
C ALA B 108 -8.07 -25.36 -3.35
N PRO B 109 -8.84 -25.83 -4.35
CA PRO B 109 -10.09 -26.54 -4.01
C PRO B 109 -9.88 -27.70 -3.04
N ASN B 110 -8.70 -28.32 -3.07
CA ASN B 110 -8.36 -29.39 -2.14
C ASN B 110 -7.52 -28.90 -0.97
N LEU B 111 -7.36 -27.59 -0.81
CA LEU B 111 -6.51 -27.01 0.23
C LEU B 111 -7.21 -25.81 0.84
N LEU B 112 -8.04 -26.07 1.85
CA LEU B 112 -8.76 -25.03 2.59
C LEU B 112 -8.24 -25.04 4.03
N LEU B 113 -7.74 -23.89 4.48
CA LEU B 113 -7.03 -23.81 5.75
C LEU B 113 -7.59 -22.68 6.61
N ASP B 114 -7.62 -22.91 7.93
CA ASP B 114 -7.93 -21.88 8.89
C ASP B 114 -6.64 -21.38 9.54
N ARG B 115 -6.77 -20.35 10.38
CA ARG B 115 -5.59 -19.74 10.99
C ARG B 115 -4.85 -20.68 11.93
N ASN B 116 -5.53 -21.68 12.48
CA ASN B 116 -4.87 -22.60 13.40
C ASN B 116 -3.83 -23.46 12.68
N GLN B 117 -4.04 -23.74 11.39
CA GLN B 117 -3.12 -24.54 10.62
C GLN B 117 -2.04 -23.70 9.95
N GLY B 118 -2.30 -22.41 9.74
CA GLY B 118 -1.24 -21.49 9.40
C GLY B 118 -0.23 -21.30 10.51
N LYS B 119 -0.52 -21.81 11.71
CA LYS B 119 0.46 -21.74 12.78
C LYS B 119 1.64 -22.67 12.54
N CYS B 120 1.46 -23.69 11.69
CA CYS B 120 2.54 -24.63 11.41
C CYS B 120 3.83 -23.92 11.04
N VAL B 121 3.73 -22.74 10.43
CA VAL B 121 4.87 -21.89 10.18
C VAL B 121 4.72 -20.62 11.02
N GLU B 122 5.83 -20.15 11.57
CA GLU B 122 5.80 -19.05 12.53
C GLU B 122 5.83 -17.72 11.80
N GLY B 123 5.03 -16.77 12.27
CA GLY B 123 4.81 -15.54 11.56
C GLY B 123 3.77 -15.63 10.47
N MET B 124 3.50 -16.84 9.96
CA MET B 124 2.44 -17.01 8.98
C MET B 124 1.07 -16.76 9.58
N VAL B 125 0.93 -16.98 10.89
CA VAL B 125 -0.33 -16.69 11.58
C VAL B 125 -0.74 -15.25 11.33
N GLU B 126 0.22 -14.33 11.41
CA GLU B 126 -0.08 -12.92 11.25
C GLU B 126 -0.53 -12.59 9.83
N ILE B 127 0.20 -13.10 8.83
CA ILE B 127 -0.22 -12.91 7.44
C ILE B 127 -1.56 -13.58 7.20
N PHE B 128 -1.79 -14.73 7.82
CA PHE B 128 -3.07 -15.42 7.69
C PHE B 128 -4.23 -14.53 8.13
N ASP B 129 -4.12 -13.94 9.33
CA ASP B 129 -5.18 -13.06 9.81
C ASP B 129 -5.38 -11.88 8.88
N MET B 130 -4.30 -11.32 8.35
CA MET B 130 -4.43 -10.20 7.42
C MET B 130 -5.14 -10.63 6.14
N LEU B 131 -4.80 -11.81 5.62
CA LEU B 131 -5.48 -12.31 4.43
C LEU B 131 -6.95 -12.62 4.73
N LEU B 132 -7.23 -13.16 5.91
CA LEU B 132 -8.62 -13.40 6.31
C LEU B 132 -9.38 -12.08 6.45
N ALA B 133 -8.74 -11.06 7.03
CA ALA B 133 -9.41 -9.77 7.20
C ALA B 133 -9.71 -9.14 5.86
N THR B 134 -8.81 -9.29 4.88
CA THR B 134 -9.07 -8.79 3.54
C THR B 134 -10.23 -9.55 2.90
N SER B 135 -10.26 -10.87 3.06
CA SER B 135 -11.35 -11.66 2.51
C SER B 135 -12.68 -11.30 3.15
N SER B 136 -12.68 -11.13 4.49
CA SER B 136 -13.89 -10.70 5.17
C SER B 136 -14.34 -9.32 4.68
N ARG B 137 -13.38 -8.44 4.40
CA ARG B 137 -13.72 -7.11 3.90
C ARG B 137 -14.38 -7.19 2.52
N PHE B 138 -13.86 -8.05 1.65
CA PHE B 138 -14.49 -8.25 0.34
C PHE B 138 -15.90 -8.81 0.48
N ARG B 139 -16.10 -9.72 1.43
CA ARG B 139 -17.43 -10.26 1.66
C ARG B 139 -18.37 -9.19 2.20
N MET B 140 -17.90 -8.39 3.15
CA MET B 140 -18.71 -7.30 3.68
C MET B 140 -19.13 -6.34 2.58
N MET B 141 -18.21 -6.00 1.69
CA MET B 141 -18.52 -5.14 0.56
C MET B 141 -19.24 -5.86 -0.57
N ASN B 142 -19.32 -7.20 -0.51
CA ASN B 142 -19.89 -8.01 -1.58
C ASN B 142 -19.22 -7.68 -2.91
N LEU B 143 -17.90 -7.84 -2.93
CA LEU B 143 -17.11 -7.55 -4.12
C LEU B 143 -17.59 -8.42 -5.28
N GLN B 144 -17.75 -7.79 -6.44
CA GLN B 144 -18.18 -8.48 -7.65
C GLN B 144 -16.97 -8.87 -8.48
N GLY B 145 -17.12 -9.98 -9.21
CA GLY B 145 -16.02 -10.48 -10.01
C GLY B 145 -15.52 -9.48 -11.03
N GLU B 146 -16.45 -8.72 -11.62
CA GLU B 146 -16.04 -7.68 -12.55
C GLU B 146 -15.21 -6.60 -11.87
N GLU B 147 -15.50 -6.32 -10.59
CA GLU B 147 -14.67 -5.40 -9.84
C GLU B 147 -13.33 -6.03 -9.47
N PHE B 148 -13.33 -7.34 -9.22
CA PHE B 148 -12.10 -8.02 -8.82
C PHE B 148 -11.06 -8.00 -9.93
N VAL B 149 -11.48 -8.34 -11.15
CA VAL B 149 -10.53 -8.37 -12.26
C VAL B 149 -9.99 -6.97 -12.54
N CYS B 150 -10.78 -5.93 -12.28
CA CYS B 150 -10.27 -4.56 -12.42
C CYS B 150 -9.19 -4.28 -11.39
N LEU B 151 -9.44 -4.65 -10.12
CA LEU B 151 -8.46 -4.39 -9.07
C LEU B 151 -7.16 -5.14 -9.33
N LYS B 152 -7.25 -6.41 -9.73
CA LYS B 152 -6.05 -7.21 -9.97
C LYS B 152 -5.21 -6.62 -11.09
N SER B 153 -5.86 -6.14 -12.16
CA SER B 153 -5.12 -5.48 -13.24
CA SER B 153 -5.12 -5.49 -13.24
C SER B 153 -4.53 -4.16 -12.79
N ILE B 154 -5.21 -3.46 -11.88
CA ILE B 154 -4.67 -2.20 -11.35
C ILE B 154 -3.38 -2.47 -10.60
N ILE B 155 -3.37 -3.51 -9.77
CA ILE B 155 -2.17 -3.88 -9.02
C ILE B 155 -1.00 -4.13 -9.97
N LEU B 156 -1.25 -4.88 -11.05
CA LEU B 156 -0.20 -5.20 -12.00
C LEU B 156 0.40 -3.94 -12.61
N LEU B 157 -0.43 -2.96 -12.96
CA LEU B 157 0.04 -1.75 -13.63
C LEU B 157 0.49 -0.66 -12.68
N ASN B 158 -0.01 -0.65 -11.45
CA ASN B 158 0.30 0.43 -10.53
C ASN B 158 1.49 0.12 -9.62
N SER B 159 1.55 -1.09 -9.06
CA SER B 159 2.49 -1.40 -7.98
C SER B 159 3.94 -1.08 -8.36
N GLY B 160 4.23 -1.04 -9.64
CA GLY B 160 5.57 -0.81 -10.10
C GLY B 160 5.73 0.46 -10.90
N VAL B 161 4.68 1.22 -11.06
CA VAL B 161 4.71 2.35 -11.94
C VAL B 161 5.74 3.39 -11.53
N TYR B 162 5.93 3.59 -10.24
CA TYR B 162 6.89 4.61 -9.80
C TYR B 162 8.23 4.05 -9.41
N THR B 163 8.51 2.81 -9.72
CA THR B 163 9.86 2.31 -9.61
C THR B 163 10.52 2.24 -10.97
N PHE B 164 9.88 2.84 -11.96
CA PHE B 164 10.27 2.62 -13.34
C PHE B 164 11.06 3.79 -13.86
N LEU B 172 9.36 7.84 -20.39
CA LEU B 172 8.54 8.94 -19.90
C LEU B 172 7.12 8.82 -20.44
N GLU B 173 6.98 8.79 -21.76
CA GLU B 173 5.68 8.57 -22.38
C GLU B 173 5.18 7.14 -22.18
N GLU B 174 6.03 6.23 -21.70
CA GLU B 174 5.56 4.90 -21.34
C GLU B 174 4.79 4.92 -20.03
N LYS B 175 5.20 5.78 -19.09
CA LYS B 175 4.45 5.94 -17.86
C LYS B 175 3.06 6.51 -18.14
N ASP B 176 2.98 7.55 -18.97
CA ASP B 176 1.70 8.15 -19.28
C ASP B 176 0.77 7.16 -19.96
N HIS B 177 1.34 6.21 -20.70
CA HIS B 177 0.51 5.14 -21.27
C HIS B 177 -0.05 4.25 -20.17
N ILE B 178 0.77 3.93 -19.16
CA ILE B 178 0.29 3.13 -18.04
C ILE B 178 -0.79 3.89 -17.26
N HIS B 179 -0.57 5.18 -17.03
CA HIS B 179 -1.57 5.98 -16.32
C HIS B 179 -2.83 6.18 -17.16
N ARG B 180 -2.69 6.22 -18.49
CA ARG B 180 -3.87 6.32 -19.34
C ARG B 180 -4.71 5.05 -19.25
N VAL B 181 -4.05 3.89 -19.22
CA VAL B 181 -4.78 2.63 -19.06
C VAL B 181 -5.39 2.56 -17.67
N LEU B 182 -4.63 2.92 -16.64
CA LEU B 182 -5.16 2.94 -15.28
C LEU B 182 -6.40 3.81 -15.18
N ASP B 183 -6.38 4.99 -15.81
CA ASP B 183 -7.56 5.84 -15.84
C ASP B 183 -8.74 5.11 -16.46
N LYS B 184 -8.50 4.36 -17.54
CA LYS B 184 -9.59 3.65 -18.19
C LYS B 184 -10.16 2.57 -17.30
N ILE B 185 -9.31 1.85 -16.56
CA ILE B 185 -9.79 0.87 -15.60
C ILE B 185 -10.63 1.56 -14.52
N THR B 186 -10.20 2.74 -14.10
CA THR B 186 -11.00 3.53 -13.15
C THR B 186 -12.36 3.88 -13.75
N ASP B 187 -12.38 4.28 -15.02
CA ASP B 187 -13.65 4.52 -15.70
C ASP B 187 -14.52 3.27 -15.69
N THR B 188 -13.89 2.10 -15.83
CA THR B 188 -14.63 0.85 -15.88
C THR B 188 -15.29 0.55 -14.54
N LEU B 189 -14.54 0.72 -13.44
CA LEU B 189 -15.09 0.49 -12.11
C LEU B 189 -16.30 1.38 -11.86
N ILE B 190 -16.18 2.67 -12.19
CA ILE B 190 -17.31 3.58 -12.04
C ILE B 190 -18.48 3.14 -12.90
N HIS B 191 -18.19 2.71 -14.13
CA HIS B 191 -19.24 2.23 -15.02
C HIS B 191 -19.99 1.05 -14.42
N LEU B 192 -19.27 0.13 -13.78
CA LEU B 192 -19.90 -1.01 -13.12
C LEU B 192 -20.79 -0.55 -11.96
N MET B 193 -20.26 0.35 -11.12
CA MET B 193 -21.01 0.77 -9.94
C MET B 193 -22.26 1.54 -10.31
N ALA B 194 -22.14 2.47 -11.28
CA ALA B 194 -23.33 3.16 -11.77
C ALA B 194 -24.34 2.19 -12.37
N LYS B 195 -23.84 1.12 -13.00
CA LYS B 195 -24.73 0.11 -13.55
C LYS B 195 -25.41 -0.70 -12.46
N ALA B 196 -24.74 -0.89 -11.32
CA ALA B 196 -25.34 -1.55 -10.17
C ALA B 196 -26.37 -0.67 -9.45
N GLY B 197 -26.55 0.58 -9.89
CA GLY B 197 -27.56 1.44 -9.28
C GLY B 197 -27.07 2.29 -8.13
N LEU B 198 -25.77 2.49 -8.00
CA LEU B 198 -25.21 3.33 -6.95
C LEU B 198 -25.34 4.80 -7.32
N THR B 199 -25.68 5.62 -6.33
CA THR B 199 -25.62 7.06 -6.52
C THR B 199 -24.19 7.49 -6.81
N LEU B 200 -24.05 8.65 -7.44
CA LEU B 200 -22.71 9.17 -7.75
C LEU B 200 -21.85 9.27 -6.50
N GLN B 201 -22.44 9.67 -5.39
CA GLN B 201 -21.72 9.69 -4.12
C GLN B 201 -21.30 8.28 -3.70
N GLN B 202 -22.19 7.30 -3.90
CA GLN B 202 -21.86 5.93 -3.51
C GLN B 202 -20.80 5.33 -4.42
N GLN B 203 -20.75 5.75 -5.68
CA GLN B 203 -19.72 5.24 -6.59
C GLN B 203 -18.33 5.68 -6.15
N HIS B 204 -18.18 6.99 -5.88
CA HIS B 204 -16.88 7.50 -5.46
C HIS B 204 -16.43 6.87 -4.15
N GLN B 205 -17.36 6.71 -3.21
CA GLN B 205 -17.01 6.09 -1.92
C GLN B 205 -16.54 4.66 -2.13
N ARG B 206 -17.30 3.87 -2.91
CA ARG B 206 -16.92 2.49 -3.14
C ARG B 206 -15.60 2.39 -3.88
N LEU B 207 -15.39 3.27 -4.86
CA LEU B 207 -14.10 3.31 -5.56
C LEU B 207 -12.96 3.54 -4.57
N ALA B 208 -13.14 4.47 -3.64
CA ALA B 208 -12.09 4.74 -2.65
C ALA B 208 -11.88 3.54 -1.74
N GLN B 209 -12.96 2.90 -1.30
CA GLN B 209 -12.84 1.76 -0.41
C GLN B 209 -12.05 0.62 -1.06
N LEU B 210 -12.30 0.37 -2.35
CA LEU B 210 -11.60 -0.70 -3.03
C LEU B 210 -10.12 -0.40 -3.16
N LEU B 211 -9.77 0.84 -3.49
CA LEU B 211 -8.36 1.18 -3.72
C LEU B 211 -7.56 1.23 -2.43
N LEU B 212 -8.20 1.61 -1.32
CA LEU B 212 -7.48 1.62 -0.05
C LEU B 212 -7.11 0.21 0.40
N ILE B 213 -7.86 -0.80 -0.05
CA ILE B 213 -7.52 -2.18 0.27
C ILE B 213 -6.22 -2.58 -0.41
N LEU B 214 -5.92 -2.01 -1.58
CA LEU B 214 -4.67 -2.33 -2.25
C LEU B 214 -3.47 -1.89 -1.42
N SER B 215 -3.64 -0.88 -0.56
CA SER B 215 -2.58 -0.51 0.36
C SER B 215 -2.30 -1.63 1.35
N HIS B 216 -3.35 -2.27 1.85
CA HIS B 216 -3.17 -3.39 2.77
CA HIS B 216 -3.16 -3.39 2.77
C HIS B 216 -2.63 -4.62 2.06
N ILE B 217 -3.01 -4.82 0.80
CA ILE B 217 -2.46 -5.93 0.01
C ILE B 217 -0.97 -5.72 -0.23
N ARG B 218 -0.58 -4.48 -0.52
CA ARG B 218 0.84 -4.15 -0.61
C ARG B 218 1.55 -4.47 0.69
N HIS B 219 0.91 -4.16 1.82
CA HIS B 219 1.52 -4.43 3.13
C HIS B 219 1.70 -5.93 3.35
N MET B 220 0.66 -6.72 3.04
CA MET B 220 0.77 -8.17 3.18
C MET B 220 1.86 -8.73 2.27
N SER B 221 1.99 -8.18 1.07
CA SER B 221 3.03 -8.64 0.15
C SER B 221 4.42 -8.32 0.70
N ASN B 222 4.61 -7.12 1.25
CA ASN B 222 5.91 -6.77 1.82
C ASN B 222 6.29 -7.72 2.96
N LYS B 223 5.36 -7.95 3.89
CA LYS B 223 5.63 -8.90 4.96
C LYS B 223 5.76 -10.32 4.42
N GLY B 224 5.01 -10.66 3.37
CA GLY B 224 5.15 -11.96 2.75
C GLY B 224 6.52 -12.18 2.15
N MET B 225 7.08 -11.14 1.51
CA MET B 225 8.43 -11.22 0.99
C MET B 225 9.43 -11.51 2.10
N GLU B 226 9.29 -10.84 3.24
CA GLU B 226 10.21 -11.05 4.36
C GLU B 226 10.15 -12.48 4.84
N HIS B 227 8.94 -12.96 5.17
CA HIS B 227 8.75 -14.37 5.53
C HIS B 227 9.30 -15.30 4.47
N LEU B 228 9.33 -14.86 3.21
CA LEU B 228 9.76 -15.71 2.11
C LEU B 228 11.29 -15.74 1.99
N TYR B 229 11.90 -14.56 1.88
CA TYR B 229 13.36 -14.49 1.82
C TYR B 229 14.00 -15.15 3.04
N SER B 230 13.32 -15.07 4.19
CA SER B 230 13.82 -15.70 5.41
C SER B 230 14.07 -17.19 5.20
N MET B 231 13.14 -17.88 4.56
CA MET B 231 13.26 -19.32 4.37
C MET B 231 13.94 -19.70 3.06
N LYS B 232 14.28 -18.72 2.22
CA LYS B 232 15.31 -18.97 1.21
C LYS B 232 16.64 -19.24 1.88
N CYS B 233 16.88 -18.60 3.03
CA CYS B 233 18.08 -18.86 3.81
C CYS B 233 17.88 -20.05 4.73
N LYS B 234 16.73 -20.10 5.43
CA LYS B 234 16.43 -21.22 6.32
C LYS B 234 16.50 -22.56 5.58
N ASN B 235 16.17 -22.55 4.28
CA ASN B 235 16.57 -23.61 3.36
C ASN B 235 15.86 -24.93 3.67
N VAL B 236 14.55 -24.87 3.79
CA VAL B 236 13.74 -26.07 3.89
C VAL B 236 13.61 -26.69 2.50
N LEU B 239 11.61 -22.52 -2.73
CA LEU B 239 12.23 -23.75 -3.22
C LEU B 239 11.84 -24.00 -4.68
N SER B 240 11.89 -22.94 -5.48
CA SER B 240 11.65 -23.02 -6.91
C SER B 240 12.56 -22.03 -7.61
N ASP B 241 12.94 -22.35 -8.84
CA ASP B 241 13.88 -21.49 -9.57
C ASP B 241 13.23 -20.18 -9.98
N LEU B 242 12.04 -20.25 -10.60
CA LEU B 242 11.31 -19.03 -10.93
C LEU B 242 10.95 -18.24 -9.68
N LEU B 243 10.61 -18.95 -8.60
CA LEU B 243 10.23 -18.28 -7.36
C LEU B 243 11.44 -17.65 -6.68
N LEU B 244 12.56 -18.37 -6.61
CA LEU B 244 13.79 -17.81 -6.06
C LEU B 244 14.27 -16.62 -6.89
N GLU B 245 13.90 -16.59 -8.17
CA GLU B 245 14.30 -15.49 -9.04
C GLU B 245 13.39 -14.28 -8.88
N MET B 246 12.10 -14.51 -8.64
CA MET B 246 11.20 -13.39 -8.31
C MET B 246 11.66 -12.68 -7.05
N LEU B 247 12.24 -13.42 -6.11
CA LEU B 247 12.62 -12.83 -4.83
C LEU B 247 13.75 -11.82 -4.98
N ASP B 248 14.88 -12.26 -5.52
CA ASP B 248 16.08 -11.44 -5.66
C ASP B 248 15.77 -10.06 -6.25
N ALA B 249 14.70 -9.97 -7.03
CA ALA B 249 14.26 -8.66 -7.50
C ALA B 249 13.77 -7.78 -6.35
N HIS B 250 13.16 -8.37 -5.33
CA HIS B 250 12.76 -7.65 -4.13
C HIS B 250 13.88 -7.59 -3.09
N ARG B 251 14.91 -8.42 -3.23
CA ARG B 251 16.19 -8.15 -2.59
C ARG B 251 16.95 -7.04 -3.31
N HIS C 2 3.10 -0.62 29.61
CA HIS C 2 3.05 0.84 29.51
C HIS C 2 3.80 1.32 28.26
N LYS C 3 3.24 2.33 27.60
CA LYS C 3 3.85 2.89 26.41
C LYS C 3 3.91 4.40 26.53
N ILE C 4 5.00 4.98 26.02
CA ILE C 4 5.10 6.44 25.90
C ILE C 4 3.97 6.95 25.03
N LEU C 5 3.61 6.20 23.98
CA LEU C 5 2.54 6.60 23.09
C LEU C 5 1.22 6.73 23.84
N HIS C 6 0.96 5.83 24.79
CA HIS C 6 -0.20 5.98 25.66
C HIS C 6 -0.21 7.34 26.32
N ARG C 7 0.89 7.70 26.98
CA ARG C 7 0.96 8.94 27.74
C ARG C 7 0.69 10.16 26.84
N LEU C 8 1.37 10.22 25.69
CA LEU C 8 1.26 11.39 24.84
C LEU C 8 -0.15 11.57 24.28
N LEU C 9 -0.91 10.48 24.16
CA LEU C 9 -2.26 10.56 23.63
C LEU C 9 -3.26 11.11 24.66
N GLN C 10 -3.01 10.90 25.94
CA GLN C 10 -3.87 11.44 26.98
C GLN C 10 -3.52 12.87 27.35
N ASP C 11 -2.28 13.29 27.09
CA ASP C 11 -1.85 14.65 27.38
C ASP C 11 -2.16 15.59 26.22
N LYS D 3 17.27 -15.18 -17.30
CA LYS D 3 16.16 -14.69 -16.48
C LYS D 3 14.87 -15.39 -16.91
N ILE D 4 14.39 -16.29 -16.04
CA ILE D 4 13.25 -17.14 -16.39
C ILE D 4 12.04 -16.30 -16.81
N LEU D 5 11.72 -15.29 -15.99
CA LEU D 5 10.57 -14.44 -16.29
C LEU D 5 10.69 -13.78 -17.65
N HIS D 6 11.90 -13.31 -17.99
CA HIS D 6 12.16 -12.78 -19.32
C HIS D 6 11.79 -13.79 -20.40
N ARG D 7 12.18 -15.05 -20.20
CA ARG D 7 11.88 -16.09 -21.18
C ARG D 7 10.38 -16.34 -21.28
N LEU D 8 9.74 -16.63 -20.14
CA LEU D 8 8.31 -16.92 -20.17
C LEU D 8 7.49 -15.77 -20.74
N LEU D 9 8.00 -14.54 -20.61
CA LEU D 9 7.36 -13.42 -21.29
C LEU D 9 7.66 -13.44 -22.79
N GLN D 10 8.86 -13.86 -23.17
CA GLN D 10 9.20 -14.02 -24.59
C GLN D 10 8.51 -15.27 -25.13
N ASP D 11 7.60 -15.10 -26.08
CA ASP D 11 6.96 -16.26 -26.69
C ASP D 11 6.62 -16.04 -28.16
#